data_7VGM
#
_entry.id   7VGM
#
_cell.length_a   77.273
_cell.length_b   93.698
_cell.length_c   95.676
_cell.angle_alpha   90.000
_cell.angle_beta   90.000
_cell.angle_gamma   90.000
#
_symmetry.space_group_name_H-M   'P 21 21 21'
#
loop_
_entity.id
_entity.type
_entity.pdbx_description
1 polymer Phenylalanine-4-hydroxylase
2 non-polymer 'ACETIC ACID'
3 non-polymer 'FE (III) ION'
4 non-polymer GLYCEROL
5 non-polymer 1,2-ETHANEDIOL
6 non-polymer DI(HYDROXYETHYL)ETHER
7 water water
#
_entity_poly.entity_id   1
_entity_poly.type   'polypeptide(L)'
_entity_poly.pdbx_seq_one_letter_code
;MTKKTEIPSHLKPFVSTQHYDQYTPVNHAVWRYIMRQNHSFLKDVAHPAYVNGLQSSGINIDAIPKVEEMNECLAPSGWG
AVTIDGLIPGVAFFDFQGHGLLPIATDIRKVENIEYTPAPDIVHEAAGHAPILLDPTYAKYVKRFGQIGAKAFSTKEEHD
AFEAVRTLTIVKESPTSTPDEVKAAENAVIEKQNLVSGLSEAEQISRLFWWTVEYGLIGNIDDPKIYGAGLLSSVGESKH
CLTDAVEKVPFSIEACIGTTYDVTKMQPQLFVCESFEELTDALETFSKTMAFKTGGKEGLEKAIRSENYATAELNSGLQI
TGTFSETIENDAGELIYMRTNSPTALALHNKQLANHSTSVHSDGFGTPIGLLTENIALENCTDEQLQSLGITIGTIAEFT
FASGIHVKGTVTDIVKNDKKIALISFIDCTVTYNARVLFDASWGAFDMAVGSQITSVFPGAADAAAFFPMDEEVHEIPAP
LVLNELERMYQTVRDIRSEGILHDAHIDQLIAIQEVLNKFYAKEWLLRLEVLELLLEHNKGHETSAALLHQLSTFTTDEA
VTRLINNGLALLPVKDVKNDAKINLEHHHHHH
;
_entity_poly.pdbx_strand_id   A
#
# COMPACT_ATOMS: atom_id res chain seq x y z
N LYS A 3 -12.16 -16.68 -12.80
CA LYS A 3 -11.80 -16.94 -11.39
C LYS A 3 -11.30 -15.66 -10.73
N LYS A 4 -11.70 -15.43 -9.48
CA LYS A 4 -11.30 -14.20 -8.77
C LYS A 4 -9.88 -14.28 -8.21
N THR A 5 -9.18 -13.15 -8.15
CA THR A 5 -7.80 -13.08 -7.60
C THR A 5 -7.84 -13.45 -6.11
N GLU A 6 -6.98 -14.37 -5.67
CA GLU A 6 -6.99 -14.85 -4.27
C GLU A 6 -6.26 -13.88 -3.33
N ILE A 7 -6.68 -13.82 -2.08
CA ILE A 7 -6.01 -12.97 -1.07
C ILE A 7 -5.00 -13.85 -0.35
N PRO A 8 -3.68 -13.52 -0.34
CA PRO A 8 -2.72 -14.32 0.42
C PRO A 8 -3.03 -14.37 1.93
N SER A 9 -2.78 -15.52 2.57
CA SER A 9 -3.12 -15.72 4.00
C SER A 9 -2.44 -14.70 4.90
N HIS A 10 -1.21 -14.33 4.57
CA HIS A 10 -0.42 -13.32 5.33
C HIS A 10 -1.08 -11.93 5.29
N LEU A 11 -1.79 -11.59 4.22
CA LEU A 11 -2.47 -10.27 4.10
C LEU A 11 -3.93 -10.32 4.58
N LYS A 12 -4.45 -11.52 4.87
CA LYS A 12 -5.85 -11.69 5.34
C LYS A 12 -6.11 -10.93 6.65
N PRO A 13 -5.17 -10.82 7.61
CA PRO A 13 -5.39 -10.01 8.81
C PRO A 13 -5.73 -8.54 8.55
N PHE A 14 -5.27 -7.98 7.44
CA PHE A 14 -5.53 -6.56 7.11
C PHE A 14 -6.89 -6.37 6.42
N VAL A 15 -7.55 -7.45 6.00
CA VAL A 15 -8.82 -7.36 5.23
C VAL A 15 -10.02 -7.07 6.14
N SER A 16 -10.85 -6.10 5.76
CA SER A 16 -12.08 -5.76 6.53
C SER A 16 -13.31 -5.96 5.65
N THR A 17 -14.44 -5.39 6.08
CA THR A 17 -15.70 -5.55 5.34
C THR A 17 -16.30 -4.17 5.06
N GLN A 18 -16.82 -3.98 3.86
CA GLN A 18 -17.53 -2.72 3.54
C GLN A 18 -18.98 -2.87 3.98
N HIS A 19 -19.46 -1.94 4.79
CA HIS A 19 -20.87 -1.93 5.22
C HIS A 19 -21.61 -0.86 4.42
N TYR A 20 -22.30 -1.25 3.35
CA TYR A 20 -22.99 -0.29 2.43
C TYR A 20 -24.07 0.50 3.17
N ASP A 21 -24.74 -0.12 4.14
CA ASP A 21 -25.83 0.54 4.92
C ASP A 21 -25.33 1.71 5.76
N GLN A 22 -24.03 1.95 5.81
CA GLN A 22 -23.44 3.07 6.58
C GLN A 22 -23.31 4.30 5.67
N TYR A 23 -23.74 4.18 4.42
CA TYR A 23 -23.72 5.34 3.52
C TYR A 23 -25.06 6.07 3.58
N THR A 24 -25.03 7.32 4.01
CA THR A 24 -26.22 8.17 4.05
C THR A 24 -26.61 8.61 2.63
N PRO A 25 -27.85 9.08 2.42
CA PRO A 25 -28.23 9.65 1.11
C PRO A 25 -27.35 10.83 0.70
N VAL A 26 -26.90 11.67 1.64
CA VAL A 26 -25.93 12.78 1.34
C VAL A 26 -24.61 12.20 0.79
N ASN A 27 -24.14 11.07 1.35
CA ASN A 27 -22.87 10.44 0.92
C ASN A 27 -22.98 10.05 -0.56
N HIS A 28 -24.11 9.45 -0.95
CA HIS A 28 -24.35 9.07 -2.37
C HIS A 28 -24.42 10.32 -3.25
N ALA A 29 -25.07 11.38 -2.76
CA ALA A 29 -25.17 12.66 -3.50
C ALA A 29 -23.79 13.30 -3.68
N VAL A 30 -22.93 13.24 -2.67
CA VAL A 30 -21.53 13.79 -2.73
C VAL A 30 -20.72 12.98 -3.74
N TRP A 31 -20.89 11.66 -3.74
CA TRP A 31 -20.22 10.81 -4.74
C TRP A 31 -20.66 11.20 -6.14
N ARG A 32 -21.97 11.40 -6.33
CA ARG A 32 -22.56 11.70 -7.65
C ARG A 32 -22.05 13.04 -8.16
N TYR A 33 -22.03 14.07 -7.31
CA TYR A 33 -21.59 15.42 -7.73
C TYR A 33 -20.13 15.37 -8.17
N ILE A 34 -19.30 14.72 -7.38
CA ILE A 34 -17.85 14.63 -7.68
C ILE A 34 -17.62 13.85 -8.99
N MET A 35 -18.31 12.73 -9.16
CA MET A 35 -18.10 11.87 -10.37
C MET A 35 -18.65 12.56 -11.62
N ARG A 36 -19.75 13.31 -11.51
CA ARG A 36 -20.29 14.12 -12.63
C ARG A 36 -19.27 15.19 -13.01
N GLN A 37 -18.71 15.87 -12.02
CA GLN A 37 -17.68 16.91 -12.26
C GLN A 37 -16.43 16.24 -12.82
N ASN A 38 -16.06 15.10 -12.27
CA ASN A 38 -14.88 14.35 -12.75
C ASN A 38 -15.09 13.94 -14.21
N HIS A 39 -16.29 13.47 -14.58
CA HIS A 39 -16.59 13.06 -15.97
C HIS A 39 -16.49 14.26 -16.91
N SER A 40 -17.13 15.37 -16.56
CA SER A 40 -17.13 16.58 -17.41
C SER A 40 -15.70 16.96 -17.82
N PHE A 41 -14.83 17.23 -16.84
CA PHE A 41 -13.44 17.65 -17.12
C PHE A 41 -12.50 16.53 -17.62
N LEU A 42 -12.50 15.36 -16.99
CA LEU A 42 -11.48 14.32 -17.27
C LEU A 42 -11.67 13.57 -18.59
N LYS A 43 -12.90 13.42 -19.08
CA LYS A 43 -13.16 12.83 -20.42
C LYS A 43 -12.29 13.49 -21.53
N ASP A 44 -11.82 14.72 -21.35
CA ASP A 44 -11.05 15.42 -22.41
C ASP A 44 -9.56 15.53 -22.07
N VAL A 45 -9.18 15.41 -20.81
CA VAL A 45 -7.77 15.68 -20.40
C VAL A 45 -7.11 14.46 -19.77
N ALA A 46 -7.91 13.47 -19.43
CA ALA A 46 -7.36 12.26 -18.78
C ALA A 46 -6.95 11.22 -19.81
N HIS A 47 -6.22 10.22 -19.33
CA HIS A 47 -5.81 9.10 -20.19
C HIS A 47 -7.10 8.51 -20.79
N PRO A 48 -7.09 8.12 -22.07
CA PRO A 48 -8.31 7.66 -22.75
C PRO A 48 -9.09 6.52 -22.06
N ALA A 49 -8.44 5.76 -21.18
CA ALA A 49 -9.07 4.61 -20.48
C ALA A 49 -9.98 5.03 -19.34
N TYR A 50 -9.98 6.29 -18.95
CA TYR A 50 -10.72 6.70 -17.72
C TYR A 50 -12.23 6.43 -17.73
N VAL A 51 -12.96 6.84 -18.75
CA VAL A 51 -14.44 6.71 -18.70
C VAL A 51 -14.90 5.25 -18.76
N ASN A 52 -14.43 4.49 -19.74
CA ASN A 52 -14.80 3.05 -19.87
C ASN A 52 -14.12 2.22 -18.77
N GLY A 53 -12.95 2.64 -18.32
CA GLY A 53 -12.25 1.97 -17.20
C GLY A 53 -12.99 2.04 -15.89
N LEU A 54 -13.59 3.19 -15.59
CA LEU A 54 -14.41 3.30 -14.36
C LEU A 54 -15.58 2.32 -14.43
N GLN A 55 -16.29 2.31 -15.56
CA GLN A 55 -17.47 1.41 -15.70
C GLN A 55 -17.02 -0.05 -15.66
N SER A 56 -15.94 -0.38 -16.36
CA SER A 56 -15.44 -1.78 -16.42
C SER A 56 -14.87 -2.22 -15.07
N SER A 57 -14.49 -1.27 -14.21
CA SER A 57 -13.99 -1.57 -12.85
C SER A 57 -15.15 -1.79 -11.86
N GLY A 58 -16.38 -1.54 -12.27
CA GLY A 58 -17.56 -1.66 -11.38
C GLY A 58 -17.89 -0.35 -10.70
N ILE A 59 -17.35 0.74 -11.22
CA ILE A 59 -17.57 2.08 -10.59
C ILE A 59 -18.53 2.91 -11.44
N ASN A 60 -19.62 3.35 -10.83
CA ASN A 60 -20.63 4.17 -11.52
C ASN A 60 -20.70 5.56 -10.89
N ILE A 61 -21.10 6.55 -11.68
CA ILE A 61 -21.28 7.96 -11.22
C ILE A 61 -22.46 8.14 -10.25
N ASP A 62 -23.57 7.43 -10.46
CA ASP A 62 -24.81 7.64 -9.66
C ASP A 62 -24.63 7.34 -8.18
N ALA A 63 -23.93 6.27 -7.84
CA ALA A 63 -23.84 5.88 -6.43
C ALA A 63 -22.46 5.33 -6.04
N ILE A 64 -22.16 5.32 -4.74
CA ILE A 64 -20.88 4.79 -4.23
C ILE A 64 -20.75 3.31 -4.64
N PRO A 65 -19.55 2.87 -5.06
CA PRO A 65 -19.36 1.49 -5.46
C PRO A 65 -19.25 0.44 -4.35
N LYS A 66 -19.64 -0.77 -4.69
CA LYS A 66 -19.44 -1.90 -3.76
C LYS A 66 -18.11 -2.54 -4.13
N VAL A 67 -17.21 -2.70 -3.17
CA VAL A 67 -15.85 -3.25 -3.41
C VAL A 67 -15.96 -4.69 -3.93
N GLU A 68 -16.91 -5.47 -3.43
CA GLU A 68 -17.12 -6.87 -3.87
C GLU A 68 -17.51 -6.89 -5.36
N GLU A 69 -18.33 -5.94 -5.79
CA GLU A 69 -18.67 -5.85 -7.23
C GLU A 69 -17.43 -5.48 -8.04
N MET A 70 -16.62 -4.56 -7.54
CA MET A 70 -15.37 -4.13 -8.23
C MET A 70 -14.43 -5.33 -8.34
N ASN A 71 -14.39 -6.19 -7.32
CA ASN A 71 -13.53 -7.39 -7.30
C ASN A 71 -13.95 -8.32 -8.45
N GLU A 72 -15.24 -8.54 -8.61
CA GLU A 72 -15.76 -9.39 -9.72
C GLU A 72 -15.48 -8.74 -11.06
N CYS A 73 -15.66 -7.43 -11.16
CA CYS A 73 -15.46 -6.67 -12.41
C CYS A 73 -13.98 -6.73 -12.87
N LEU A 74 -13.04 -6.69 -11.93
CA LEU A 74 -11.59 -6.70 -12.25
C LEU A 74 -11.03 -8.11 -12.46
N ALA A 75 -11.79 -9.13 -12.11
CA ALA A 75 -11.26 -10.52 -12.15
C ALA A 75 -10.81 -10.95 -13.57
N PRO A 76 -11.54 -10.65 -14.67
CA PRO A 76 -11.06 -10.94 -16.02
C PRO A 76 -9.71 -10.30 -16.39
N SER A 77 -9.32 -9.22 -15.70
CA SER A 77 -8.05 -8.50 -15.94
C SER A 77 -6.95 -9.04 -15.00
N GLY A 78 -7.26 -10.10 -14.24
CA GLY A 78 -6.30 -10.67 -13.27
C GLY A 78 -6.12 -9.76 -12.09
N TRP A 79 -7.17 -9.02 -11.74
CA TRP A 79 -7.09 -8.06 -10.62
C TRP A 79 -8.24 -8.27 -9.65
N GLY A 80 -8.12 -7.67 -8.48
CA GLY A 80 -9.15 -7.78 -7.44
C GLY A 80 -9.24 -6.53 -6.61
N ALA A 81 -10.23 -6.46 -5.74
CA ALA A 81 -10.41 -5.31 -4.83
C ALA A 81 -10.73 -5.82 -3.43
N VAL A 82 -10.13 -5.21 -2.43
CA VAL A 82 -10.36 -5.61 -1.01
C VAL A 82 -10.67 -4.37 -0.18
N THR A 83 -11.35 -4.58 0.94
CA THR A 83 -11.67 -3.46 1.86
C THR A 83 -10.67 -3.48 3.01
N ILE A 84 -10.05 -2.35 3.27
CA ILE A 84 -9.11 -2.23 4.42
C ILE A 84 -9.70 -1.21 5.38
N ASP A 85 -9.51 -1.43 6.68
CA ASP A 85 -10.04 -0.51 7.73
C ASP A 85 -8.88 0.10 8.52
N GLY A 86 -8.61 1.38 8.29
CA GLY A 86 -7.49 2.04 8.98
C GLY A 86 -6.16 1.97 8.25
N LEU A 87 -5.15 2.63 8.80
CA LEU A 87 -3.81 2.71 8.16
C LEU A 87 -3.10 1.35 8.22
N ILE A 88 -2.56 0.93 7.08
CA ILE A 88 -1.82 -0.36 7.02
C ILE A 88 -0.36 -0.08 6.68
N PRO A 89 0.59 -0.94 7.09
CA PRO A 89 1.99 -0.76 6.71
C PRO A 89 2.20 -0.68 5.19
N GLY A 90 3.13 0.18 4.76
CA GLY A 90 3.44 0.36 3.33
C GLY A 90 3.77 -0.94 2.61
N VAL A 91 4.50 -1.83 3.26
CA VAL A 91 4.87 -3.14 2.66
C VAL A 91 3.61 -3.93 2.34
N ALA A 92 2.61 -3.90 3.23
CA ALA A 92 1.31 -4.58 2.99
C ALA A 92 0.52 -3.89 1.88
N PHE A 93 0.47 -2.56 1.88
CA PHE A 93 -0.23 -1.79 0.83
C PHE A 93 0.31 -2.20 -0.54
N PHE A 94 1.63 -2.22 -0.67
CA PHE A 94 2.28 -2.66 -1.93
C PHE A 94 2.08 -4.15 -2.17
N ASP A 95 2.14 -4.98 -1.14
CA ASP A 95 1.97 -6.45 -1.26
C ASP A 95 0.61 -6.78 -1.89
N PHE A 96 -0.44 -6.11 -1.46
CA PHE A 96 -1.79 -6.30 -2.05
C PHE A 96 -1.71 -6.04 -3.56
N GLN A 97 -1.11 -4.92 -3.95
CA GLN A 97 -0.96 -4.55 -5.37
C GLN A 97 -0.07 -5.55 -6.11
N GLY A 98 0.96 -6.08 -5.46
CA GLY A 98 1.81 -7.12 -6.05
C GLY A 98 1.05 -8.40 -6.33
N HIS A 99 -0.06 -8.61 -5.63
CA HIS A 99 -0.91 -9.81 -5.83
C HIS A 99 -2.08 -9.46 -6.74
N GLY A 100 -2.07 -8.28 -7.37
CA GLY A 100 -3.18 -7.82 -8.21
C GLY A 100 -4.43 -7.51 -7.40
N LEU A 101 -4.27 -6.97 -6.20
CA LEU A 101 -5.42 -6.61 -5.35
C LEU A 101 -5.40 -5.12 -5.01
N LEU A 102 -6.50 -4.43 -5.29
CA LEU A 102 -6.60 -2.99 -4.96
C LEU A 102 -7.13 -2.80 -3.52
N PRO A 103 -6.33 -2.28 -2.55
CA PRO A 103 -6.83 -2.03 -1.21
C PRO A 103 -7.64 -0.73 -1.15
N ILE A 104 -8.89 -0.79 -0.70
CA ILE A 104 -9.76 0.41 -0.71
C ILE A 104 -10.31 0.72 0.68
N ALA A 105 -10.05 1.92 1.17
CA ALA A 105 -10.67 2.41 2.41
C ALA A 105 -12.06 2.88 2.00
N THR A 106 -13.12 2.47 2.70
CA THR A 106 -14.51 2.69 2.25
C THR A 106 -15.22 3.92 2.85
N ASP A 107 -14.61 4.63 3.78
CA ASP A 107 -15.25 5.87 4.27
C ASP A 107 -15.31 6.90 3.14
N ILE A 108 -16.32 7.76 3.17
CA ILE A 108 -16.42 8.84 2.17
C ILE A 108 -16.30 10.18 2.89
N ARG A 109 -15.82 11.19 2.19
CA ARG A 109 -15.66 12.54 2.76
C ARG A 109 -16.99 13.18 3.10
N LYS A 110 -16.98 14.08 4.08
CA LYS A 110 -18.17 14.86 4.45
C LYS A 110 -18.47 15.89 3.35
N VAL A 111 -19.71 16.35 3.28
CA VAL A 111 -20.14 17.33 2.24
C VAL A 111 -19.29 18.60 2.37
N GLU A 112 -18.88 18.95 3.59
CA GLU A 112 -18.09 20.19 3.82
C GLU A 112 -16.67 20.02 3.28
N ASN A 113 -16.29 18.78 2.96
CA ASN A 113 -14.90 18.49 2.52
C ASN A 113 -14.89 17.90 1.10
N ILE A 114 -15.87 18.25 0.28
CA ILE A 114 -15.94 17.75 -1.12
C ILE A 114 -14.62 18.04 -1.84
N GLU A 115 -14.04 19.21 -1.67
CA GLU A 115 -12.84 19.59 -2.46
C GLU A 115 -11.56 18.99 -1.88
N TYR A 116 -11.38 19.03 -0.57
CA TYR A 116 -10.18 18.39 0.03
C TYR A 116 -10.58 17.55 1.25
N THR A 117 -10.13 16.30 1.26
CA THR A 117 -10.36 15.45 2.44
C THR A 117 -9.00 15.26 3.15
N PRO A 118 -8.87 15.46 4.47
CA PRO A 118 -7.59 15.22 5.14
C PRO A 118 -7.19 13.74 5.02
N ALA A 119 -8.17 12.86 5.02
CA ALA A 119 -7.88 11.42 4.92
C ALA A 119 -8.37 10.90 3.56
N PRO A 120 -7.54 10.15 2.82
CA PRO A 120 -7.98 9.60 1.55
C PRO A 120 -9.24 8.76 1.75
N ASP A 121 -10.19 8.90 0.84
CA ASP A 121 -11.50 8.22 0.97
C ASP A 121 -11.74 7.32 -0.23
N ILE A 122 -12.97 6.80 -0.37
CA ILE A 122 -13.33 5.87 -1.48
C ILE A 122 -13.30 6.60 -2.83
N VAL A 123 -13.51 7.91 -2.84
CA VAL A 123 -13.41 8.68 -4.10
C VAL A 123 -12.00 8.51 -4.65
N HIS A 124 -10.99 8.76 -3.83
CA HIS A 124 -9.59 8.61 -4.27
C HIS A 124 -9.18 7.15 -4.44
N GLU A 125 -9.53 6.29 -3.49
CA GLU A 125 -9.01 4.90 -3.47
C GLU A 125 -9.71 4.01 -4.50
N ALA A 126 -10.94 4.32 -4.85
CA ALA A 126 -11.62 3.58 -5.93
C ALA A 126 -11.61 4.38 -7.24
N ALA A 127 -12.21 5.57 -7.25
CA ALA A 127 -12.34 6.37 -8.50
C ALA A 127 -10.99 6.85 -9.05
N GLY A 128 -10.00 7.07 -8.19
CA GLY A 128 -8.67 7.47 -8.67
C GLY A 128 -7.77 6.31 -9.04
N HIS A 129 -7.70 5.28 -8.19
CA HIS A 129 -6.71 4.18 -8.39
C HIS A 129 -7.16 3.02 -9.32
N ALA A 130 -8.44 2.86 -9.62
CA ALA A 130 -8.95 1.69 -10.39
C ALA A 130 -9.06 1.91 -11.91
N PRO A 131 -9.57 3.02 -12.47
CA PRO A 131 -9.82 3.15 -13.92
C PRO A 131 -8.74 2.77 -14.95
N ILE A 132 -7.52 3.24 -14.79
CA ILE A 132 -6.42 2.98 -15.77
C ILE A 132 -5.89 1.55 -15.66
N LEU A 133 -6.27 0.81 -14.63
CA LEU A 133 -5.89 -0.62 -14.51
C LEU A 133 -6.49 -1.37 -15.71
N LEU A 134 -7.55 -0.83 -16.31
CA LEU A 134 -8.20 -1.45 -17.50
C LEU A 134 -7.25 -1.33 -18.69
N ASP A 135 -6.18 -0.55 -18.57
CA ASP A 135 -5.09 -0.56 -19.57
C ASP A 135 -4.10 -1.60 -19.03
N PRO A 136 -3.90 -2.77 -19.72
CA PRO A 136 -3.03 -3.82 -19.18
C PRO A 136 -1.58 -3.39 -18.93
N THR A 137 -1.06 -2.46 -19.73
CA THR A 137 0.31 -1.90 -19.54
C THR A 137 0.40 -1.16 -18.20
N TYR A 138 -0.62 -0.39 -17.83
CA TYR A 138 -0.66 0.28 -16.51
C TYR A 138 -0.79 -0.73 -15.38
N ALA A 139 -1.67 -1.72 -15.54
CA ALA A 139 -1.87 -2.75 -14.50
C ALA A 139 -0.56 -3.49 -14.24
N LYS A 140 0.21 -3.75 -15.31
CA LYS A 140 1.53 -4.41 -15.17
C LYS A 140 2.48 -3.54 -14.33
N TYR A 141 2.52 -2.24 -14.59
CA TYR A 141 3.38 -1.32 -13.81
C TYR A 141 2.98 -1.31 -12.32
N VAL A 142 1.69 -1.18 -12.03
CA VAL A 142 1.21 -1.09 -10.63
C VAL A 142 1.46 -2.41 -9.88
N LYS A 143 1.23 -3.54 -10.55
CA LYS A 143 1.50 -4.87 -9.93
C LYS A 143 3.01 -5.05 -9.65
N ARG A 144 3.85 -4.69 -10.61
CA ARG A 144 5.32 -4.81 -10.43
C ARG A 144 5.79 -3.81 -9.36
N PHE A 145 5.22 -2.63 -9.33
CA PHE A 145 5.55 -1.63 -8.28
C PHE A 145 5.18 -2.23 -6.92
N GLY A 146 4.04 -2.89 -6.83
CA GLY A 146 3.61 -3.51 -5.57
C GLY A 146 4.59 -4.53 -5.06
N GLN A 147 5.10 -5.39 -5.94
CA GLN A 147 6.09 -6.43 -5.57
C GLN A 147 7.41 -5.79 -5.09
N ILE A 148 7.89 -4.78 -5.80
CA ILE A 148 9.14 -4.06 -5.42
C ILE A 148 8.95 -3.26 -4.12
N GLY A 149 7.82 -2.56 -3.95
CA GLY A 149 7.55 -1.78 -2.73
C GLY A 149 7.43 -2.64 -1.49
N ALA A 150 6.99 -3.90 -1.65
CA ALA A 150 6.88 -4.83 -0.52
C ALA A 150 8.26 -5.34 -0.07
N LYS A 151 9.30 -5.09 -0.86
CA LYS A 151 10.69 -5.50 -0.52
C LYS A 151 11.50 -4.31 0.00
N ALA A 152 10.88 -3.15 0.18
CA ALA A 152 11.63 -1.94 0.56
C ALA A 152 11.88 -1.84 2.08
N PHE A 153 13.14 -1.66 2.44
CA PHE A 153 13.52 -1.50 3.86
C PHE A 153 13.20 -0.12 4.41
N SER A 154 12.76 -0.09 5.66
CA SER A 154 12.53 1.20 6.36
C SER A 154 13.48 1.23 7.56
N THR A 155 13.81 2.41 8.07
CA THR A 155 14.64 2.55 9.28
C THR A 155 13.79 2.26 10.52
N LYS A 156 14.43 1.97 11.64
CA LYS A 156 13.72 1.78 12.92
C LYS A 156 12.95 3.05 13.24
N GLU A 157 13.53 4.20 12.93
CA GLU A 157 12.88 5.51 13.19
C GLU A 157 11.59 5.64 12.37
N GLU A 158 11.59 5.16 11.13
CA GLU A 158 10.38 5.22 10.26
C GLU A 158 9.31 4.25 10.78
N HIS A 159 9.71 3.08 11.26
CA HIS A 159 8.74 2.13 11.86
C HIS A 159 8.11 2.78 13.10
N ASP A 160 8.91 3.43 13.93
CA ASP A 160 8.43 4.07 15.17
C ASP A 160 7.48 5.22 14.83
N ALA A 161 7.81 6.00 13.81
CA ALA A 161 6.94 7.10 13.38
C ALA A 161 5.61 6.57 12.88
N PHE A 162 5.65 5.48 12.10
CA PHE A 162 4.39 4.89 11.56
C PHE A 162 3.51 4.39 12.71
N GLU A 163 4.10 3.72 13.69
CA GLU A 163 3.32 3.20 14.83
C GLU A 163 2.64 4.36 15.56
N ALA A 164 3.37 5.44 15.80
CA ALA A 164 2.82 6.62 16.51
C ALA A 164 1.67 7.23 15.71
N VAL A 165 1.80 7.27 14.38
CA VAL A 165 0.72 7.81 13.50
C VAL A 165 -0.51 6.91 13.59
N ARG A 166 -0.30 5.59 13.61
CA ARG A 166 -1.44 4.64 13.73
C ARG A 166 -2.11 4.84 15.08
N THR A 167 -1.32 5.05 16.13
CA THR A 167 -1.86 5.28 17.50
C THR A 167 -2.75 6.53 17.49
N LEU A 168 -2.30 7.61 16.86
CA LEU A 168 -3.06 8.88 16.86
C LEU A 168 -4.41 8.66 16.18
N THR A 169 -4.45 7.89 15.10
CA THR A 169 -5.72 7.70 14.37
C THR A 169 -6.73 6.97 15.27
N ILE A 170 -6.27 6.02 16.08
CA ILE A 170 -7.18 5.25 16.97
C ILE A 170 -7.69 6.18 18.08
N VAL A 171 -6.81 6.98 18.67
CA VAL A 171 -7.19 7.92 19.77
C VAL A 171 -8.10 9.02 19.21
N LYS A 172 -7.77 9.58 18.05
CA LYS A 172 -8.54 10.70 17.46
C LYS A 172 -9.95 10.24 17.09
N GLU A 173 -10.11 8.99 16.64
CA GLU A 173 -11.43 8.52 16.16
C GLU A 173 -12.16 7.76 17.28
N SER A 174 -11.88 8.10 18.54
CA SER A 174 -12.49 7.38 19.67
C SER A 174 -13.20 8.35 20.62
N PRO A 175 -14.45 8.07 21.03
CA PRO A 175 -15.20 8.96 21.92
C PRO A 175 -14.57 9.11 23.31
N THR A 176 -14.02 8.02 23.85
CA THR A 176 -13.45 8.05 25.23
C THR A 176 -12.26 9.01 25.31
N SER A 177 -11.54 9.21 24.21
CA SER A 177 -10.29 10.02 24.26
C SER A 177 -10.53 11.48 24.65
N THR A 178 -9.67 12.01 25.53
CA THR A 178 -9.73 13.43 25.96
C THR A 178 -8.87 14.26 25.01
N PRO A 179 -8.99 15.59 24.96
CA PRO A 179 -8.11 16.40 24.13
C PRO A 179 -6.65 16.21 24.55
N ASP A 180 -6.39 16.15 25.85
CA ASP A 180 -5.00 15.96 26.34
C ASP A 180 -4.45 14.58 25.91
N GLU A 181 -5.27 13.53 25.94
CA GLU A 181 -4.82 12.19 25.48
C GLU A 181 -4.46 12.27 23.99
N VAL A 182 -5.24 13.03 23.23
CA VAL A 182 -4.98 13.20 21.78
C VAL A 182 -3.70 14.02 21.61
N LYS A 183 -3.55 15.11 22.35
CA LYS A 183 -2.40 16.01 22.19
C LYS A 183 -1.10 15.24 22.44
N ALA A 184 -1.12 14.34 23.42
CA ALA A 184 0.07 13.53 23.73
C ALA A 184 0.40 12.64 22.53
N ALA A 185 -0.60 11.98 21.95
CA ALA A 185 -0.40 11.13 20.77
C ALA A 185 0.10 11.98 19.61
N GLU A 186 -0.42 13.19 19.47
CA GLU A 186 0.04 14.12 18.41
C GLU A 186 1.51 14.48 18.63
N ASN A 187 1.91 14.73 19.87
CA ASN A 187 3.31 15.09 20.21
C ASN A 187 4.25 13.90 19.99
N ALA A 188 3.78 12.70 20.27
CA ALA A 188 4.58 11.47 20.05
C ALA A 188 4.92 11.36 18.55
N VAL A 189 4.00 11.76 17.69
CA VAL A 189 4.23 11.70 16.22
C VAL A 189 5.35 12.67 15.88
N ILE A 190 5.28 13.89 16.41
CA ILE A 190 6.30 14.93 16.09
C ILE A 190 7.66 14.45 16.59
N GLU A 191 7.70 13.87 17.78
CA GLU A 191 8.98 13.39 18.35
C GLU A 191 9.55 12.28 17.48
N LYS A 192 8.72 11.30 17.12
CA LYS A 192 9.16 10.15 16.28
C LYS A 192 9.57 10.60 14.87
N GLN A 193 8.78 11.47 14.25
CA GLN A 193 9.06 11.99 12.88
C GLN A 193 10.37 12.79 12.89
N ASN A 194 10.63 13.51 13.97
CA ASN A 194 11.87 14.32 14.09
C ASN A 194 13.11 13.43 14.02
N LEU A 195 13.05 12.25 14.63
CA LEU A 195 14.18 11.29 14.64
C LEU A 195 14.46 10.72 13.25
N VAL A 196 13.49 10.81 12.33
CA VAL A 196 13.67 10.26 10.95
C VAL A 196 14.70 11.08 10.18
N SER A 197 15.73 10.41 9.67
CA SER A 197 16.77 11.09 8.87
C SER A 197 17.24 10.15 7.76
N GLY A 198 17.74 10.71 6.66
CA GLY A 198 18.29 9.88 5.59
C GLY A 198 17.25 9.49 4.58
N LEU A 199 17.70 8.82 3.54
CA LEU A 199 16.79 8.41 2.46
C LEU A 199 16.77 6.89 2.42
N SER A 200 15.68 6.32 2.90
CA SER A 200 15.50 4.85 2.86
C SER A 200 14.98 4.42 1.48
N GLU A 201 15.00 3.12 1.21
CA GLU A 201 14.42 2.58 -0.03
C GLU A 201 12.91 2.88 -0.02
N ALA A 202 12.28 2.74 1.15
CA ALA A 202 10.84 2.99 1.32
C ALA A 202 10.48 4.46 1.02
N GLU A 203 11.31 5.40 1.46
CA GLU A 203 11.08 6.83 1.16
C GLU A 203 11.20 7.06 -0.34
N GLN A 204 12.19 6.43 -0.97
CA GLN A 204 12.41 6.56 -2.44
C GLN A 204 11.24 5.96 -3.20
N ILE A 205 10.76 4.79 -2.76
CA ILE A 205 9.63 4.09 -3.42
C ILE A 205 8.37 4.95 -3.24
N SER A 206 8.25 5.58 -2.08
CA SER A 206 7.08 6.45 -1.79
C SER A 206 7.07 7.65 -2.74
N ARG A 207 8.24 8.25 -2.97
CA ARG A 207 8.34 9.39 -3.92
C ARG A 207 8.02 8.93 -5.35
N LEU A 208 8.51 7.75 -5.75
CA LEU A 208 8.26 7.23 -7.11
C LEU A 208 6.76 6.94 -7.31
N PHE A 209 6.10 6.33 -6.31
CA PHE A 209 4.65 6.05 -6.37
C PHE A 209 3.86 7.36 -6.47
N TRP A 210 4.23 8.38 -5.67
CA TRP A 210 3.55 9.69 -5.69
C TRP A 210 3.64 10.38 -7.06
N TRP A 211 4.81 10.36 -7.69
CA TRP A 211 5.01 11.07 -8.99
C TRP A 211 4.51 10.24 -10.18
N THR A 212 4.17 8.99 -9.96
CA THR A 212 3.61 8.13 -11.03
C THR A 212 2.15 7.77 -10.72
N VAL A 213 1.93 6.73 -9.95
CA VAL A 213 0.57 6.23 -9.63
C VAL A 213 -0.35 7.33 -9.09
N GLU A 214 0.16 8.28 -8.32
CA GLU A 214 -0.67 9.31 -7.64
C GLU A 214 -0.80 10.63 -8.40
N TYR A 215 0.29 11.20 -8.93
CA TYR A 215 0.25 12.54 -9.57
C TYR A 215 0.88 12.51 -10.97
N GLY A 216 0.90 11.35 -11.60
CA GLY A 216 1.55 11.16 -12.89
C GLY A 216 0.84 11.72 -14.09
N LEU A 217 1.62 12.12 -15.09
CA LEU A 217 1.10 12.64 -16.36
C LEU A 217 1.76 11.83 -17.48
N ILE A 218 1.07 11.65 -18.60
CA ILE A 218 1.60 10.85 -19.73
C ILE A 218 1.47 11.60 -21.06
N GLY A 219 2.47 11.47 -21.94
CA GLY A 219 2.38 12.02 -23.30
C GLY A 219 3.37 13.12 -23.62
N ASN A 220 2.99 13.99 -24.56
CA ASN A 220 3.84 15.14 -24.93
C ASN A 220 3.84 16.13 -23.77
N ILE A 221 5.02 16.64 -23.43
CA ILE A 221 5.13 17.56 -22.26
C ILE A 221 4.28 18.81 -22.51
N ASP A 222 4.16 19.23 -23.76
CA ASP A 222 3.32 20.40 -24.13
C ASP A 222 1.83 20.11 -23.89
N ASP A 223 1.36 18.91 -24.24
CA ASP A 223 -0.07 18.55 -24.08
C ASP A 223 -0.16 17.25 -23.29
N PRO A 224 0.12 17.28 -21.98
CA PRO A 224 0.11 16.07 -21.16
C PRO A 224 -1.30 15.54 -20.81
N LYS A 225 -1.44 14.23 -20.67
CA LYS A 225 -2.73 13.64 -20.22
C LYS A 225 -2.59 13.16 -18.77
N ILE A 226 -3.66 13.19 -18.00
CA ILE A 226 -3.64 12.81 -16.56
C ILE A 226 -3.94 11.32 -16.32
N TYR A 227 -3.07 10.62 -15.59
CA TYR A 227 -3.35 9.23 -15.16
C TYR A 227 -3.32 9.11 -13.63
N GLY A 228 -2.65 10.04 -12.96
CA GLY A 228 -2.48 9.99 -11.50
C GLY A 228 -3.77 9.92 -10.72
N ALA A 229 -3.84 9.00 -9.77
CA ALA A 229 -5.06 8.78 -8.95
C ALA A 229 -5.50 10.05 -8.19
N GLY A 230 -4.57 10.78 -7.60
CA GLY A 230 -4.89 12.04 -6.90
C GLY A 230 -5.48 13.07 -7.82
N LEU A 231 -4.97 13.17 -9.04
CA LEU A 231 -5.55 14.06 -10.06
C LEU A 231 -6.94 13.58 -10.54
N LEU A 232 -7.11 12.28 -10.77
CA LEU A 232 -8.40 11.71 -11.25
C LEU A 232 -9.49 11.86 -10.19
N SER A 233 -9.11 11.94 -8.91
CA SER A 233 -10.08 12.12 -7.79
C SER A 233 -10.29 13.61 -7.46
N SER A 234 -9.52 14.53 -8.08
CA SER A 234 -9.62 15.99 -7.80
C SER A 234 -9.71 16.82 -9.09
N VAL A 235 -10.92 17.23 -9.47
CA VAL A 235 -11.09 18.09 -10.66
C VAL A 235 -10.39 19.43 -10.41
N GLY A 236 -10.45 19.94 -9.18
CA GLY A 236 -9.77 21.20 -8.87
C GLY A 236 -8.28 21.12 -9.08
N GLU A 237 -7.63 20.07 -8.58
CA GLU A 237 -6.18 19.90 -8.83
C GLU A 237 -5.91 19.61 -10.31
N SER A 238 -6.74 18.80 -10.94
CA SER A 238 -6.52 18.42 -12.36
C SER A 238 -6.58 19.68 -13.24
N LYS A 239 -7.51 20.59 -12.96
CA LYS A 239 -7.61 21.86 -13.70
C LYS A 239 -6.37 22.74 -13.48
N HIS A 240 -5.93 22.84 -12.23
CA HIS A 240 -4.73 23.65 -11.88
C HIS A 240 -3.46 23.03 -12.47
N CYS A 241 -3.35 21.70 -12.41
CA CYS A 241 -2.13 20.99 -12.88
C CYS A 241 -1.83 21.29 -14.35
N LEU A 242 -2.86 21.41 -15.18
CA LEU A 242 -2.66 21.66 -16.63
C LEU A 242 -2.30 23.12 -16.90
N THR A 243 -2.44 24.01 -15.92
CA THR A 243 -2.06 25.44 -16.06
C THR A 243 -0.54 25.64 -15.98
N ASP A 244 -0.05 26.80 -16.45
CA ASP A 244 1.41 27.12 -16.43
C ASP A 244 1.89 27.31 -14.99
N ALA A 245 0.97 27.36 -14.03
CA ALA A 245 1.32 27.49 -12.61
C ALA A 245 2.07 26.25 -12.10
N VAL A 246 1.91 25.13 -12.81
CA VAL A 246 2.58 23.87 -12.39
C VAL A 246 3.61 23.52 -13.45
N GLU A 247 4.87 23.38 -13.05
CA GLU A 247 5.95 23.00 -13.99
C GLU A 247 5.78 21.54 -14.41
N LYS A 248 5.82 21.30 -15.71
CA LYS A 248 5.78 19.91 -16.20
C LYS A 248 7.23 19.52 -16.46
N VAL A 249 7.69 18.46 -15.81
CA VAL A 249 9.12 18.06 -15.92
C VAL A 249 9.14 16.68 -16.57
N PRO A 250 10.08 16.36 -17.48
CA PRO A 250 10.17 15.01 -18.01
C PRO A 250 10.42 14.03 -16.87
N PHE A 251 9.80 12.86 -16.95
CA PHE A 251 10.01 11.82 -15.91
C PHE A 251 11.44 11.31 -15.94
N SER A 252 12.03 11.12 -14.77
CA SER A 252 13.35 10.46 -14.63
C SER A 252 13.30 9.78 -13.26
N ILE A 253 14.04 8.69 -13.10
CA ILE A 253 14.13 8.02 -11.78
C ILE A 253 14.82 8.98 -10.78
N GLU A 254 15.87 9.66 -11.22
CA GLU A 254 16.67 10.53 -10.31
C GLU A 254 15.78 11.66 -9.78
N ALA A 255 15.08 12.35 -10.67
CA ALA A 255 14.25 13.49 -10.24
C ALA A 255 13.13 13.04 -9.29
N CYS A 256 12.47 11.94 -9.62
CA CYS A 256 11.32 11.48 -8.82
C CYS A 256 11.74 10.99 -7.43
N ILE A 257 12.82 10.22 -7.35
CA ILE A 257 13.27 9.66 -6.04
C ILE A 257 13.90 10.76 -5.18
N GLY A 258 14.27 11.89 -5.80
CA GLY A 258 14.90 13.00 -5.07
C GLY A 258 13.98 14.15 -4.78
N THR A 259 12.72 14.04 -5.19
CA THR A 259 11.76 15.17 -5.01
C THR A 259 10.80 14.83 -3.87
N THR A 260 10.84 15.63 -2.81
CA THR A 260 9.92 15.48 -1.65
C THR A 260 8.55 16.02 -2.04
N TYR A 261 7.52 15.63 -1.29
CA TYR A 261 6.15 16.08 -1.58
C TYR A 261 5.39 16.56 -0.34
N ASP A 262 4.39 17.42 -0.53
CA ASP A 262 3.50 17.89 0.55
C ASP A 262 2.06 17.55 0.17
N VAL A 263 1.39 16.73 0.99
CA VAL A 263 0.00 16.28 0.70
C VAL A 263 -0.99 17.42 0.96
N THR A 264 -0.64 18.38 1.81
CA THR A 264 -1.51 19.53 2.19
C THR A 264 -1.71 20.55 1.08
N LYS A 265 -0.70 20.76 0.24
CA LYS A 265 -0.78 21.83 -0.77
C LYS A 265 -0.72 21.22 -2.17
N MET A 266 -1.17 21.96 -3.17
CA MET A 266 -1.20 21.45 -4.55
C MET A 266 0.22 21.24 -5.04
N GLN A 267 0.38 20.30 -5.96
CA GLN A 267 1.73 19.90 -6.42
C GLN A 267 2.41 21.03 -7.23
N PRO A 268 3.63 21.49 -6.83
CA PRO A 268 4.34 22.55 -7.56
C PRO A 268 4.80 22.11 -8.96
N GLN A 269 5.17 20.84 -9.08
CA GLN A 269 5.61 20.29 -10.38
C GLN A 269 5.00 18.89 -10.53
N LEU A 270 4.86 18.44 -11.77
CA LEU A 270 4.39 17.06 -12.03
C LEU A 270 5.33 16.47 -13.09
N PHE A 271 5.46 15.16 -13.12
CA PHE A 271 6.43 14.50 -14.01
C PHE A 271 5.70 13.81 -15.16
N VAL A 272 6.16 14.07 -16.39
CA VAL A 272 5.48 13.52 -17.58
C VAL A 272 6.24 12.35 -18.17
N CYS A 273 5.63 11.18 -18.21
CA CYS A 273 6.23 9.99 -18.85
C CYS A 273 5.79 9.88 -20.31
N GLU A 274 6.55 9.14 -21.10
CA GLU A 274 6.16 8.88 -22.51
C GLU A 274 5.28 7.64 -22.55
N SER A 275 5.56 6.67 -21.67
CA SER A 275 4.82 5.39 -21.71
C SER A 275 4.85 4.69 -20.34
N PHE A 276 3.93 3.77 -20.13
CA PHE A 276 3.95 2.93 -18.90
C PHE A 276 5.12 1.95 -19.02
N GLU A 277 5.48 1.57 -20.25
CA GLU A 277 6.64 0.66 -20.49
C GLU A 277 7.91 1.35 -19.98
N GLU A 278 8.01 2.67 -20.17
CA GLU A 278 9.17 3.45 -19.66
C GLU A 278 9.20 3.40 -18.13
N LEU A 279 8.06 3.58 -17.48
CA LEU A 279 8.00 3.54 -16.00
C LEU A 279 8.40 2.15 -15.50
N THR A 280 7.90 1.10 -16.14
CA THR A 280 8.16 -0.29 -15.71
C THR A 280 9.65 -0.58 -15.82
N ASP A 281 10.26 -0.19 -16.94
CA ASP A 281 11.70 -0.40 -17.18
C ASP A 281 12.53 0.38 -16.16
N ALA A 282 12.15 1.62 -15.90
CA ALA A 282 12.88 2.46 -14.91
C ALA A 282 12.76 1.87 -13.51
N LEU A 283 11.58 1.38 -13.13
CA LEU A 283 11.35 0.76 -11.80
C LEU A 283 12.26 -0.46 -11.65
N GLU A 284 12.36 -1.28 -12.68
CA GLU A 284 13.22 -2.49 -12.67
C GLU A 284 14.70 -2.07 -12.53
N THR A 285 15.13 -1.05 -13.26
CA THR A 285 16.52 -0.55 -13.18
C THR A 285 16.79 -0.02 -11.77
N PHE A 286 15.83 0.72 -11.18
CA PHE A 286 15.96 1.20 -9.79
C PHE A 286 16.02 0.02 -8.80
N SER A 287 15.25 -1.04 -9.06
CA SER A 287 15.18 -2.20 -8.14
C SER A 287 16.57 -2.81 -7.89
N LYS A 288 17.51 -2.59 -8.80
CA LYS A 288 18.87 -3.18 -8.69
C LYS A 288 19.66 -2.49 -7.58
N THR A 289 19.26 -1.28 -7.17
CA THR A 289 19.91 -0.57 -6.03
C THR A 289 19.35 -1.10 -4.72
N MET A 290 18.30 -1.91 -4.79
CA MET A 290 17.64 -2.36 -3.55
C MET A 290 18.25 -3.64 -2.99
N ALA A 291 18.11 -3.85 -1.69
CA ALA A 291 18.71 -5.01 -0.99
C ALA A 291 18.21 -6.36 -1.52
N PHE A 292 16.96 -6.42 -1.96
CA PHE A 292 16.40 -7.67 -2.50
C PHE A 292 17.19 -8.13 -3.73
N LYS A 293 17.67 -7.20 -4.54
CA LYS A 293 18.51 -7.53 -5.72
C LYS A 293 20.00 -7.61 -5.36
N THR A 294 20.50 -6.67 -4.57
CA THR A 294 21.94 -6.60 -4.21
C THR A 294 22.40 -7.73 -3.30
N GLY A 295 21.59 -8.09 -2.31
CA GLY A 295 22.04 -9.02 -1.27
C GLY A 295 23.24 -8.43 -0.56
N GLY A 296 24.18 -9.27 -0.14
CA GLY A 296 25.43 -8.80 0.47
C GLY A 296 25.33 -8.15 1.83
N LYS A 297 26.44 -7.63 2.32
CA LYS A 297 26.50 -6.91 3.62
C LYS A 297 25.68 -5.64 3.52
N GLU A 298 25.68 -4.98 2.38
CA GLU A 298 24.90 -3.74 2.15
C GLU A 298 23.42 -4.00 2.41
N GLY A 299 22.89 -5.12 1.90
CA GLY A 299 21.50 -5.49 2.19
C GLY A 299 21.27 -5.84 3.64
N LEU A 300 22.20 -6.59 4.24
CA LEU A 300 22.09 -6.98 5.66
C LEU A 300 22.16 -5.76 6.57
N GLU A 301 22.96 -4.76 6.20
CA GLU A 301 23.10 -3.52 6.99
C GLU A 301 21.74 -2.81 7.03
N LYS A 302 21.01 -2.80 5.92
CA LYS A 302 19.65 -2.20 5.90
C LYS A 302 18.73 -2.97 6.85
N ALA A 303 18.86 -4.29 6.89
CA ALA A 303 18.05 -5.12 7.81
C ALA A 303 18.37 -4.78 9.27
N ILE A 304 19.64 -4.61 9.61
CA ILE A 304 20.05 -4.24 10.98
C ILE A 304 19.54 -2.84 11.35
N ARG A 305 19.60 -1.88 10.42
CA ARG A 305 19.13 -0.48 10.65
C ARG A 305 17.61 -0.50 10.89
N SER A 306 16.91 -1.44 10.26
CA SER A 306 15.45 -1.59 10.43
C SER A 306 15.12 -1.98 11.88
N GLU A 307 16.00 -2.75 12.54
CA GLU A 307 15.72 -3.28 13.90
C GLU A 307 14.37 -4.00 13.86
N ASN A 308 14.04 -4.55 12.70
CA ASN A 308 12.75 -5.27 12.54
C ASN A 308 12.96 -6.57 11.79
N TYR A 309 11.94 -7.41 11.74
CA TYR A 309 12.07 -8.74 11.13
C TYR A 309 12.45 -8.61 9.66
N ALA A 310 13.43 -9.41 9.23
CA ALA A 310 13.91 -9.39 7.85
C ALA A 310 14.32 -10.80 7.45
N THR A 311 14.54 -11.00 6.15
CA THR A 311 14.94 -12.32 5.65
C THR A 311 16.25 -12.21 4.86
N ALA A 312 17.22 -13.07 5.16
CA ALA A 312 18.44 -13.15 4.37
C ALA A 312 18.37 -14.47 3.59
N GLU A 313 18.55 -14.39 2.29
CA GLU A 313 18.52 -15.60 1.45
C GLU A 313 19.94 -15.88 0.96
N LEU A 314 20.39 -17.11 1.17
CA LEU A 314 21.75 -17.51 0.77
C LEU A 314 21.72 -18.18 -0.61
N ASN A 315 22.88 -18.38 -1.22
CA ASN A 315 23.01 -19.02 -2.55
C ASN A 315 22.54 -20.48 -2.51
N SER A 316 22.51 -21.11 -1.33
CA SER A 316 21.91 -22.46 -1.17
C SER A 316 20.39 -22.38 -1.33
N GLY A 317 19.81 -21.20 -1.10
CA GLY A 317 18.35 -21.03 -1.13
C GLY A 317 17.78 -21.00 0.28
N LEU A 318 18.62 -21.26 1.28
CA LEU A 318 18.19 -21.18 2.69
C LEU A 318 17.78 -19.75 3.01
N GLN A 319 16.59 -19.61 3.57
CA GLN A 319 16.07 -18.27 3.91
C GLN A 319 16.03 -18.19 5.43
N ILE A 320 16.63 -17.14 5.98
CA ILE A 320 16.68 -16.98 7.45
C ILE A 320 15.87 -15.74 7.79
N THR A 321 14.83 -15.92 8.61
CA THR A 321 13.97 -14.77 8.97
C THR A 321 14.17 -14.43 10.43
N GLY A 322 14.62 -13.21 10.70
CA GLY A 322 14.75 -12.73 12.08
C GLY A 322 15.20 -11.29 12.12
N THR A 323 15.33 -10.74 13.31
CA THR A 323 15.90 -9.37 13.42
C THR A 323 17.42 -9.50 13.44
N PHE A 324 18.08 -9.14 12.34
CA PHE A 324 19.56 -9.22 12.24
C PHE A 324 20.18 -8.15 13.16
N SER A 325 21.20 -8.54 13.91
CA SER A 325 21.77 -7.65 14.95
C SER A 325 23.26 -7.38 14.79
N GLU A 326 24.04 -8.39 14.40
CA GLU A 326 25.50 -8.23 14.37
C GLU A 326 26.13 -8.96 13.18
N THR A 327 27.27 -8.45 12.71
CA THR A 327 28.04 -9.12 11.65
C THR A 327 29.51 -9.14 12.08
N ILE A 328 30.25 -10.15 11.65
CA ILE A 328 31.72 -10.14 11.87
C ILE A 328 32.31 -9.92 10.48
N GLU A 329 33.16 -8.92 10.36
CA GLU A 329 33.82 -8.66 9.07
C GLU A 329 35.31 -8.98 9.16
N ASN A 330 35.95 -9.28 8.04
CA ASN A 330 37.41 -9.55 7.99
C ASN A 330 38.16 -8.23 7.81
N ASP A 331 39.49 -8.28 7.69
CA ASP A 331 40.34 -7.07 7.55
C ASP A 331 39.97 -6.26 6.30
N ALA A 332 39.46 -6.92 5.26
CA ALA A 332 39.05 -6.24 4.01
C ALA A 332 37.62 -5.70 4.09
N GLY A 333 36.95 -5.87 5.23
CA GLY A 333 35.55 -5.41 5.40
C GLY A 333 34.52 -6.41 4.86
N GLU A 334 34.98 -7.53 4.34
CA GLU A 334 34.07 -8.57 3.80
C GLU A 334 33.40 -9.33 4.95
N LEU A 335 32.09 -9.54 4.87
CA LEU A 335 31.34 -10.24 5.93
C LEU A 335 31.70 -11.73 5.93
N ILE A 336 31.87 -12.31 7.12
CA ILE A 336 32.24 -13.74 7.25
C ILE A 336 31.28 -14.44 8.22
N TYR A 337 30.58 -13.67 9.05
CA TYR A 337 29.61 -14.25 9.99
C TYR A 337 28.47 -13.24 10.23
N MET A 338 27.28 -13.74 10.51
CA MET A 338 26.13 -12.86 10.84
C MET A 338 25.23 -13.56 11.86
N ARG A 339 24.48 -12.78 12.65
CA ARG A 339 23.54 -13.38 13.63
C ARG A 339 22.27 -12.55 13.81
N THR A 340 21.23 -13.19 14.35
CA THR A 340 19.98 -12.49 14.70
C THR A 340 19.93 -12.43 16.23
N ASN A 341 19.19 -11.48 16.80
CA ASN A 341 19.00 -11.37 18.27
C ASN A 341 17.55 -11.68 18.60
N SER A 342 16.83 -12.32 17.70
CA SER A 342 15.37 -12.50 17.91
C SER A 342 14.92 -13.93 17.60
N PRO A 343 13.68 -14.35 17.95
CA PRO A 343 13.17 -15.64 17.49
C PRO A 343 13.41 -15.69 15.98
N THR A 344 13.82 -16.83 15.48
CA THR A 344 14.19 -16.93 14.06
C THR A 344 13.54 -18.16 13.43
N ALA A 345 13.19 -18.07 12.15
CA ALA A 345 12.64 -19.22 11.42
C ALA A 345 13.50 -19.46 10.18
N LEU A 346 13.52 -20.70 9.71
CA LEU A 346 14.32 -21.05 8.52
C LEU A 346 13.39 -21.58 7.44
N ALA A 347 13.70 -21.29 6.19
CA ALA A 347 12.77 -21.68 5.12
C ALA A 347 13.46 -22.02 3.81
N LEU A 348 12.80 -22.82 2.99
CA LEU A 348 13.29 -23.07 1.62
C LEU A 348 12.09 -22.80 0.70
N HIS A 349 12.30 -22.07 -0.39
CA HIS A 349 11.22 -21.79 -1.38
C HIS A 349 10.02 -21.15 -0.70
N ASN A 350 10.24 -20.24 0.25
CA ASN A 350 9.17 -19.50 0.96
C ASN A 350 8.28 -20.43 1.78
N LYS A 351 8.81 -21.58 2.18
CA LYS A 351 8.06 -22.55 3.03
C LYS A 351 8.90 -22.91 4.25
N GLN A 352 8.38 -22.64 5.45
CA GLN A 352 9.11 -22.91 6.72
C GLN A 352 9.57 -24.36 6.79
N LEU A 353 10.85 -24.55 7.05
CA LEU A 353 11.40 -25.91 7.20
C LEU A 353 10.88 -26.53 8.48
N ALA A 354 10.61 -27.82 8.43
CA ALA A 354 10.13 -28.54 9.62
C ALA A 354 11.20 -28.51 10.70
N ASN A 355 10.80 -28.30 11.95
CA ASN A 355 11.74 -28.34 13.09
C ASN A 355 12.58 -27.07 13.14
N HIS A 356 12.26 -26.07 12.32
CA HIS A 356 13.08 -24.83 12.25
C HIS A 356 12.21 -23.59 12.44
N SER A 357 11.25 -23.67 13.35
CA SER A 357 10.33 -22.53 13.63
C SER A 357 10.92 -21.61 14.70
N THR A 358 10.19 -20.54 15.03
CA THR A 358 10.60 -19.57 16.07
C THR A 358 10.73 -20.26 17.43
N SER A 359 9.89 -21.27 17.69
CA SER A 359 9.95 -22.02 18.97
C SER A 359 11.31 -22.69 19.12
N VAL A 360 11.91 -23.18 18.03
CA VAL A 360 13.25 -23.81 18.08
C VAL A 360 14.35 -22.74 18.18
N HIS A 361 14.22 -21.65 17.44
CA HIS A 361 15.29 -20.62 17.38
C HIS A 361 14.89 -19.38 18.16
N SER A 362 14.33 -19.56 19.36
CA SER A 362 13.80 -18.44 20.19
C SER A 362 14.82 -17.40 20.61
N ASP A 363 16.10 -17.76 20.72
CA ASP A 363 17.08 -16.79 21.29
C ASP A 363 18.08 -16.27 20.24
N GLY A 364 17.80 -16.46 18.95
CA GLY A 364 18.71 -15.99 17.90
C GLY A 364 19.32 -17.11 17.07
N PHE A 365 19.94 -16.75 15.95
CA PHE A 365 20.55 -17.73 15.02
C PHE A 365 21.83 -17.11 14.45
N GLY A 366 22.93 -17.85 14.50
CA GLY A 366 24.22 -17.35 14.03
C GLY A 366 24.74 -18.21 12.91
N THR A 367 25.30 -17.59 11.88
CA THR A 367 25.70 -18.37 10.69
C THR A 367 27.02 -17.90 10.07
N PRO A 368 28.05 -18.77 9.92
CA PRO A 368 29.25 -18.40 9.18
C PRO A 368 28.91 -18.34 7.67
N ILE A 369 29.41 -17.31 7.00
CA ILE A 369 29.13 -17.17 5.55
C ILE A 369 30.43 -17.14 4.75
N GLY A 370 30.53 -18.03 3.77
CA GLY A 370 31.69 -18.04 2.88
C GLY A 370 32.02 -19.40 2.31
N LEU A 371 33.04 -19.44 1.44
CA LEU A 371 33.54 -20.72 0.91
C LEU A 371 34.38 -21.39 1.99
N LEU A 372 34.60 -22.69 1.86
CA LEU A 372 35.50 -23.39 2.79
C LEU A 372 36.94 -23.25 2.27
N THR A 373 37.90 -23.82 2.98
CA THR A 373 39.31 -23.81 2.52
C THR A 373 39.41 -24.70 1.29
N GLU A 374 40.37 -24.41 0.40
CA GLU A 374 40.55 -25.17 -0.87
C GLU A 374 39.49 -24.72 -1.86
N ASN A 375 39.01 -23.48 -1.74
CA ASN A 375 38.02 -22.89 -2.67
C ASN A 375 36.83 -23.83 -2.84
N ILE A 376 36.37 -24.41 -1.73
CA ILE A 376 35.23 -25.36 -1.80
C ILE A 376 33.94 -24.59 -1.49
N ALA A 377 32.96 -24.71 -2.37
CA ALA A 377 31.63 -24.13 -2.08
C ALA A 377 30.82 -25.24 -1.45
N LEU A 378 30.60 -25.18 -0.14
CA LEU A 378 29.89 -26.26 0.58
C LEU A 378 28.51 -26.47 -0.05
N GLU A 379 27.87 -25.41 -0.54
CA GLU A 379 26.50 -25.48 -1.12
C GLU A 379 26.46 -26.40 -2.34
N ASN A 380 27.50 -26.44 -3.15
CA ASN A 380 27.48 -27.24 -4.40
C ASN A 380 28.18 -28.59 -4.17
N CYS A 381 28.59 -28.88 -2.94
CA CYS A 381 29.33 -30.13 -2.64
C CYS A 381 28.46 -31.37 -2.88
N THR A 382 29.03 -32.40 -3.51
CA THR A 382 28.30 -33.65 -3.77
C THR A 382 28.37 -34.55 -2.53
N ASP A 383 27.61 -35.63 -2.52
CA ASP A 383 27.60 -36.55 -1.35
C ASP A 383 29.00 -37.14 -1.18
N GLU A 384 29.70 -37.35 -2.29
CA GLU A 384 31.07 -37.93 -2.24
C GLU A 384 32.04 -36.91 -1.64
N GLN A 385 31.91 -35.65 -2.04
CA GLN A 385 32.78 -34.58 -1.51
C GLN A 385 32.53 -34.41 -0.01
N LEU A 386 31.28 -34.55 0.43
CA LEU A 386 30.94 -34.35 1.86
C LEU A 386 31.54 -35.50 2.68
N GLN A 387 31.51 -36.72 2.14
CA GLN A 387 32.11 -37.89 2.83
C GLN A 387 33.61 -37.66 2.99
N SER A 388 34.26 -37.12 1.95
CA SER A 388 35.70 -36.79 2.05
C SER A 388 35.92 -35.73 3.13
N LEU A 389 35.04 -34.74 3.21
CA LEU A 389 35.12 -33.67 4.23
C LEU A 389 34.81 -34.20 5.64
N GLY A 390 34.11 -35.33 5.73
CA GLY A 390 33.69 -35.89 7.03
C GLY A 390 32.28 -35.51 7.39
N ILE A 391 31.56 -34.87 6.47
CA ILE A 391 30.16 -34.43 6.72
C ILE A 391 29.20 -35.56 6.40
N THR A 392 29.05 -36.50 7.33
CA THR A 392 28.14 -37.66 7.16
C THR A 392 27.43 -37.83 8.50
N ILE A 393 26.16 -38.22 8.51
CA ILE A 393 25.40 -38.29 9.79
C ILE A 393 26.05 -39.30 10.74
N GLY A 394 26.16 -38.95 12.01
CA GLY A 394 26.78 -39.82 13.03
C GLY A 394 28.28 -39.68 13.08
N THR A 395 28.86 -38.84 12.22
CA THR A 395 30.33 -38.69 12.16
C THR A 395 30.73 -37.34 12.76
N ILE A 396 31.85 -37.32 13.48
CA ILE A 396 32.38 -36.01 13.96
C ILE A 396 32.99 -35.30 12.75
N ALA A 397 32.44 -34.14 12.41
CA ALA A 397 32.95 -33.39 11.26
C ALA A 397 33.86 -32.28 11.78
N GLU A 398 34.95 -32.05 11.07
CA GLU A 398 35.87 -30.96 11.45
C GLU A 398 36.31 -30.29 10.14
N PHE A 399 35.91 -29.04 9.96
CA PHE A 399 36.24 -28.30 8.71
C PHE A 399 36.54 -26.85 9.04
N THR A 400 37.26 -26.19 8.16
CA THR A 400 37.62 -24.77 8.38
C THR A 400 37.13 -23.93 7.21
N PHE A 401 36.46 -22.81 7.49
CA PHE A 401 36.04 -21.88 6.43
C PHE A 401 37.27 -21.13 5.94
N ALA A 402 37.23 -20.60 4.72
CA ALA A 402 38.34 -19.79 4.17
C ALA A 402 38.63 -18.61 5.10
N SER A 403 37.64 -18.19 5.89
CA SER A 403 37.80 -17.08 6.87
C SER A 403 38.65 -17.51 8.07
N GLY A 404 38.68 -18.81 8.36
CA GLY A 404 39.37 -19.28 9.57
C GLY A 404 38.36 -19.74 10.61
N ILE A 405 37.08 -19.49 10.36
CA ILE A 405 36.05 -20.01 11.29
C ILE A 405 36.19 -21.53 11.31
N HIS A 406 36.27 -22.12 12.49
CA HIS A 406 36.51 -23.58 12.61
C HIS A 406 35.28 -24.27 13.20
N VAL A 407 34.82 -25.34 12.55
CA VAL A 407 33.62 -26.06 13.01
C VAL A 407 33.97 -27.50 13.37
N LYS A 408 33.63 -27.91 14.59
CA LYS A 408 33.81 -29.33 14.97
C LYS A 408 32.52 -29.80 15.65
N GLY A 409 31.90 -30.85 15.14
CA GLY A 409 30.72 -31.40 15.82
C GLY A 409 30.25 -32.71 15.25
N THR A 410 29.36 -33.39 15.96
CA THR A 410 28.77 -34.65 15.43
C THR A 410 27.60 -34.26 14.52
N VAL A 411 27.63 -34.67 13.24
CA VAL A 411 26.58 -34.30 12.27
C VAL A 411 25.28 -35.04 12.60
N THR A 412 24.18 -34.29 12.71
CA THR A 412 22.87 -34.90 13.08
C THR A 412 21.93 -34.92 11.86
N ASP A 413 21.95 -33.86 11.05
CA ASP A 413 21.02 -33.81 9.89
C ASP A 413 21.61 -32.98 8.73
N ILE A 414 21.28 -33.36 7.50
CA ILE A 414 21.69 -32.52 6.33
C ILE A 414 20.40 -32.20 5.57
N VAL A 415 20.12 -30.91 5.38
CA VAL A 415 18.93 -30.51 4.60
C VAL A 415 19.44 -29.99 3.26
N LYS A 416 18.93 -30.58 2.18
CA LYS A 416 19.36 -30.16 0.83
C LYS A 416 18.23 -29.42 0.12
N ASN A 417 18.57 -28.47 -0.73
CA ASN A 417 17.57 -27.82 -1.60
C ASN A 417 17.90 -28.34 -2.99
N ASP A 418 17.14 -29.32 -3.49
CA ASP A 418 17.49 -29.96 -4.77
C ASP A 418 18.91 -30.51 -4.64
N LYS A 419 19.78 -30.17 -5.59
CA LYS A 419 21.20 -30.59 -5.53
C LYS A 419 21.98 -29.85 -4.42
N LYS A 420 21.67 -28.58 -4.17
CA LYS A 420 22.49 -27.77 -3.23
C LYS A 420 22.35 -28.19 -1.78
N ILE A 421 23.40 -27.96 -0.97
CA ILE A 421 23.34 -28.23 0.49
C ILE A 421 22.87 -26.95 1.17
N ALA A 422 21.82 -27.00 1.99
CA ALA A 422 21.24 -25.76 2.57
C ALA A 422 21.40 -25.63 4.08
N LEU A 423 21.35 -26.75 4.80
CA LEU A 423 21.41 -26.70 6.29
C LEU A 423 22.13 -27.93 6.83
N ILE A 424 23.18 -27.72 7.61
CA ILE A 424 23.87 -28.87 8.24
C ILE A 424 23.70 -28.75 9.75
N SER A 425 23.03 -29.73 10.35
CA SER A 425 22.78 -29.70 11.80
C SER A 425 23.87 -30.48 12.53
N PHE A 426 24.24 -30.00 13.72
CA PHE A 426 25.33 -30.61 14.50
C PHE A 426 24.96 -30.72 15.98
N ILE A 427 25.59 -31.65 16.70
CA ILE A 427 25.39 -31.78 18.17
C ILE A 427 26.79 -31.91 18.77
N ASP A 428 26.95 -31.56 20.06
CA ASP A 428 28.29 -31.57 20.70
C ASP A 428 29.19 -30.74 19.80
N CYS A 429 28.75 -29.52 19.48
CA CYS A 429 29.47 -28.71 18.47
C CYS A 429 30.18 -27.50 19.05
N THR A 430 31.41 -27.26 18.61
CA THR A 430 32.15 -26.05 19.01
C THR A 430 32.49 -25.29 17.72
N VAL A 431 32.14 -24.01 17.64
CA VAL A 431 32.48 -23.16 16.47
C VAL A 431 33.33 -22.00 16.98
N THR A 432 34.49 -21.77 16.36
CA THR A 432 35.40 -20.74 16.91
C THR A 432 35.97 -19.84 15.82
N TYR A 433 36.13 -18.56 16.12
CA TYR A 433 36.85 -17.63 15.22
C TYR A 433 37.97 -17.04 16.07
N ASN A 434 39.20 -17.50 15.84
CA ASN A 434 40.33 -17.11 16.71
C ASN A 434 39.90 -17.45 18.14
N ALA A 435 39.99 -16.50 19.06
CA ALA A 435 39.55 -16.71 20.46
C ALA A 435 38.03 -16.84 20.61
N ARG A 436 37.24 -16.03 19.90
CA ARG A 436 35.76 -15.99 20.10
C ARG A 436 35.05 -17.33 19.84
N VAL A 437 34.23 -17.77 20.80
CA VAL A 437 33.43 -19.01 20.65
C VAL A 437 32.06 -18.64 20.08
N LEU A 438 31.88 -18.78 18.77
CA LEU A 438 30.60 -18.47 18.10
C LEU A 438 29.52 -19.47 18.53
N PHE A 439 29.90 -20.74 18.71
CA PHE A 439 28.92 -21.71 19.27
C PHE A 439 29.57 -22.52 20.39
N ASP A 440 28.91 -22.59 21.54
CA ASP A 440 29.40 -23.42 22.67
C ASP A 440 28.59 -24.72 22.71
N ALA A 441 29.25 -25.84 23.00
CA ALA A 441 28.59 -27.18 23.01
C ALA A 441 27.50 -27.24 24.07
N SER A 442 27.65 -26.50 25.15
CA SER A 442 26.64 -26.42 26.23
C SER A 442 25.33 -25.86 25.69
N TRP A 443 25.38 -25.07 24.62
CA TRP A 443 24.18 -24.43 24.02
C TRP A 443 23.30 -25.44 23.27
N GLY A 444 23.83 -26.64 23.02
CA GLY A 444 23.01 -27.69 22.40
C GLY A 444 23.19 -27.83 20.92
N ALA A 445 22.09 -27.77 20.17
CA ALA A 445 22.16 -28.03 18.71
C ALA A 445 22.64 -26.82 17.91
N PHE A 446 23.61 -27.04 17.04
CA PHE A 446 24.05 -25.96 16.12
C PHE A 446 23.47 -26.27 14.74
N ASP A 447 22.65 -25.36 14.23
CA ASP A 447 22.10 -25.53 12.87
C ASP A 447 22.85 -24.56 11.96
N MET A 448 23.71 -25.10 11.09
CA MET A 448 24.56 -24.26 10.21
C MET A 448 23.92 -24.02 8.86
N ALA A 449 23.51 -22.79 8.60
CA ALA A 449 23.02 -22.45 7.27
C ALA A 449 24.21 -22.49 6.32
N VAL A 450 24.00 -23.02 5.11
CA VAL A 450 25.11 -23.20 4.15
C VAL A 450 25.03 -22.10 3.08
N GLY A 451 26.11 -21.35 2.92
CA GLY A 451 26.16 -20.37 1.82
C GLY A 451 27.49 -19.66 1.71
N SER A 452 27.84 -19.24 0.52
CA SER A 452 29.09 -18.47 0.31
C SER A 452 28.73 -17.02 -0.01
N GLN A 453 27.47 -16.76 -0.37
CA GLN A 453 27.01 -15.39 -0.70
C GLN A 453 25.58 -15.16 -0.19
N ILE A 454 25.25 -13.92 0.15
CA ILE A 454 23.86 -13.55 0.54
C ILE A 454 23.19 -13.00 -0.72
N THR A 455 22.32 -13.79 -1.33
CA THR A 455 21.67 -13.41 -2.62
C THR A 455 20.64 -12.28 -2.49
N SER A 456 19.80 -12.30 -1.47
CA SER A 456 18.72 -11.30 -1.31
C SER A 456 18.46 -10.96 0.16
N VAL A 457 18.26 -9.69 0.47
CA VAL A 457 17.83 -9.29 1.83
C VAL A 457 16.54 -8.48 1.68
N PHE A 458 15.49 -8.90 2.35
CA PHE A 458 14.17 -8.25 2.18
C PHE A 458 13.48 -8.10 3.53
N PRO A 459 12.65 -7.06 3.75
CA PRO A 459 11.89 -6.92 4.97
C PRO A 459 10.81 -7.98 5.13
N GLY A 460 10.53 -8.35 6.38
CA GLY A 460 9.48 -9.34 6.66
C GLY A 460 9.97 -10.78 6.61
N ALA A 461 9.06 -11.69 6.31
CA ALA A 461 9.38 -13.14 6.37
C ALA A 461 9.19 -13.83 5.03
N ALA A 462 9.96 -14.88 4.78
CA ALA A 462 9.77 -15.71 3.57
C ALA A 462 8.43 -16.46 3.65
N ASP A 463 8.15 -17.10 4.80
CA ASP A 463 6.84 -17.76 5.05
C ASP A 463 6.14 -16.93 6.13
N ALA A 464 5.49 -15.83 5.73
CA ALA A 464 4.86 -14.90 6.68
C ALA A 464 3.72 -15.57 7.46
N ALA A 465 2.98 -16.46 6.81
CA ALA A 465 1.85 -17.15 7.49
C ALA A 465 2.35 -17.97 8.66
N ALA A 466 3.44 -18.72 8.46
CA ALA A 466 4.06 -19.50 9.55
C ALA A 466 4.74 -18.62 10.58
N PHE A 467 5.46 -17.57 10.16
CA PHE A 467 6.23 -16.72 11.10
C PHE A 467 5.35 -15.84 11.97
N PHE A 468 4.31 -15.24 11.40
CA PHE A 468 3.51 -14.24 12.14
C PHE A 468 2.19 -14.83 12.64
N PRO A 469 1.53 -14.26 13.68
CA PRO A 469 0.20 -14.73 14.11
C PRO A 469 -0.83 -14.25 13.09
N MET A 470 -1.50 -15.18 12.44
CA MET A 470 -2.57 -14.80 11.48
C MET A 470 -3.88 -14.62 12.25
N ASP A 471 -3.96 -13.57 13.07
CA ASP A 471 -5.16 -13.38 13.95
C ASP A 471 -6.43 -13.14 13.13
N GLU A 472 -7.52 -13.82 13.48
CA GLU A 472 -8.83 -13.56 12.81
C GLU A 472 -9.55 -12.49 13.61
N GLU A 473 -9.22 -11.21 13.38
CA GLU A 473 -9.84 -10.17 14.23
C GLU A 473 -11.35 -10.17 14.00
N VAL A 474 -12.11 -9.90 15.06
CA VAL A 474 -13.59 -9.80 14.91
C VAL A 474 -13.96 -8.33 14.96
N HIS A 475 -14.62 -7.84 13.90
CA HIS A 475 -15.12 -6.45 13.93
C HIS A 475 -16.62 -6.52 14.16
N GLU A 476 -17.14 -5.69 15.05
CA GLU A 476 -18.60 -5.64 15.28
C GLU A 476 -19.29 -4.98 14.08
N ILE A 477 -20.44 -5.51 13.69
CA ILE A 477 -21.24 -4.86 12.61
C ILE A 477 -21.73 -3.53 13.17
N PRO A 478 -21.58 -2.41 12.44
CA PRO A 478 -22.07 -1.13 12.90
C PRO A 478 -23.60 -1.09 13.00
N ALA A 479 -24.11 -0.28 13.90
CA ALA A 479 -25.57 -0.13 14.08
C ALA A 479 -26.21 0.63 12.93
N PRO A 480 -27.51 0.38 12.64
CA PRO A 480 -28.17 1.05 11.55
C PRO A 480 -28.23 2.57 11.74
N LEU A 481 -28.04 3.28 10.63
CA LEU A 481 -28.07 4.76 10.67
C LEU A 481 -29.46 5.29 10.99
N VAL A 482 -29.52 6.36 11.76
CA VAL A 482 -30.80 7.08 11.98
C VAL A 482 -30.72 8.25 11.00
N LEU A 483 -31.73 8.38 10.15
CA LEU A 483 -31.71 9.42 9.08
C LEU A 483 -32.67 10.54 9.45
N ASN A 484 -32.16 11.75 9.48
CA ASN A 484 -32.97 12.93 9.86
C ASN A 484 -33.80 13.42 8.67
N GLU A 485 -34.51 14.53 8.83
CA GLU A 485 -35.40 15.10 7.79
C GLU A 485 -34.65 15.36 6.48
N LEU A 486 -33.46 15.97 6.56
CA LEU A 486 -32.67 16.33 5.36
C LEU A 486 -32.23 15.09 4.58
N GLU A 487 -31.79 14.06 5.31
CA GLU A 487 -31.34 12.79 4.68
C GLU A 487 -32.54 12.16 3.95
N ARG A 488 -33.71 12.21 4.56
CA ARG A 488 -34.95 11.67 3.94
C ARG A 488 -35.33 12.47 2.69
N MET A 489 -35.15 13.78 2.72
CA MET A 489 -35.40 14.61 1.51
C MET A 489 -34.43 14.26 0.39
N TYR A 490 -33.16 14.03 0.72
CA TYR A 490 -32.17 13.60 -0.30
C TYR A 490 -32.61 12.25 -0.88
N GLN A 491 -33.05 11.33 -0.03
CA GLN A 491 -33.50 9.99 -0.47
C GLN A 491 -34.73 10.11 -1.37
N THR A 492 -35.65 11.01 -1.03
CA THR A 492 -36.89 11.20 -1.82
C THR A 492 -36.54 11.67 -3.24
N VAL A 493 -35.62 12.62 -3.38
CA VAL A 493 -35.18 13.11 -4.72
C VAL A 493 -34.51 11.98 -5.51
N ARG A 494 -33.71 11.15 -4.83
CA ARG A 494 -33.03 10.00 -5.46
C ARG A 494 -34.07 8.97 -5.92
N ASP A 495 -35.05 8.68 -5.09
CA ASP A 495 -36.10 7.68 -5.44
C ASP A 495 -36.86 8.16 -6.67
N ILE A 496 -37.22 9.44 -6.72
CA ILE A 496 -37.98 10.00 -7.87
C ILE A 496 -37.12 9.97 -9.15
N ARG A 497 -35.84 10.32 -9.05
CA ARG A 497 -34.92 10.32 -10.21
C ARG A 497 -34.79 8.90 -10.76
N SER A 498 -34.74 7.91 -9.87
CA SER A 498 -34.58 6.49 -10.29
C SER A 498 -35.80 6.01 -11.07
N GLU A 499 -36.98 6.46 -10.69
CA GLU A 499 -38.23 6.00 -11.34
C GLU A 499 -38.25 6.48 -12.79
N GLY A 500 -37.69 7.65 -13.06
CA GLY A 500 -37.61 8.13 -14.46
C GLY A 500 -38.93 8.70 -14.91
N ILE A 501 -39.87 8.84 -13.99
CA ILE A 501 -41.18 9.47 -14.28
C ILE A 501 -41.30 10.65 -13.32
N LEU A 502 -41.88 11.73 -13.78
CA LEU A 502 -42.11 12.88 -12.86
C LEU A 502 -43.61 13.20 -12.95
N HIS A 503 -44.41 12.41 -12.24
CA HIS A 503 -45.87 12.64 -12.21
C HIS A 503 -46.21 13.82 -11.30
N ASP A 504 -47.48 14.21 -11.27
CA ASP A 504 -47.89 15.42 -10.52
C ASP A 504 -47.60 15.31 -9.02
N ALA A 505 -47.85 14.14 -8.43
CA ALA A 505 -47.56 13.93 -7.00
C ALA A 505 -46.05 14.10 -6.73
N HIS A 506 -45.20 13.58 -7.64
CA HIS A 506 -43.73 13.74 -7.50
C HIS A 506 -43.34 15.22 -7.55
N ILE A 507 -43.94 15.99 -8.46
CA ILE A 507 -43.63 17.45 -8.61
C ILE A 507 -44.06 18.18 -7.34
N ASP A 508 -45.21 17.79 -6.78
CA ASP A 508 -45.73 18.40 -5.53
C ASP A 508 -44.73 18.12 -4.40
N GLN A 509 -44.19 16.90 -4.36
CA GLN A 509 -43.19 16.53 -3.33
C GLN A 509 -41.94 17.42 -3.46
N LEU A 510 -41.46 17.64 -4.68
CA LEU A 510 -40.27 18.49 -4.92
C LEU A 510 -40.51 19.94 -4.48
N ILE A 511 -41.71 20.48 -4.75
CA ILE A 511 -42.07 21.86 -4.29
C ILE A 511 -42.12 21.89 -2.77
N ALA A 512 -42.65 20.83 -2.15
CA ALA A 512 -42.69 20.73 -0.68
C ALA A 512 -41.26 20.73 -0.13
N ILE A 513 -40.34 20.08 -0.83
CA ILE A 513 -38.92 20.00 -0.40
C ILE A 513 -38.30 21.40 -0.54
N GLN A 514 -38.59 22.09 -1.64
CA GLN A 514 -38.05 23.45 -1.89
C GLN A 514 -38.54 24.39 -0.79
N GLU A 515 -39.80 24.27 -0.39
CA GLU A 515 -40.37 25.10 0.69
C GLU A 515 -39.70 24.80 2.04
N VAL A 516 -39.48 23.53 2.37
CA VAL A 516 -38.76 23.15 3.61
C VAL A 516 -37.35 23.74 3.59
N LEU A 517 -36.66 23.65 2.46
CA LEU A 517 -35.27 24.18 2.34
C LEU A 517 -35.28 25.70 2.52
N ASN A 518 -36.27 26.40 1.96
CA ASN A 518 -36.35 27.87 2.04
C ASN A 518 -36.59 28.30 3.50
N LYS A 519 -37.48 27.62 4.20
CA LYS A 519 -37.80 27.93 5.61
C LYS A 519 -36.74 27.45 6.61
N PHE A 520 -36.17 26.26 6.42
CA PHE A 520 -35.32 25.69 7.50
C PHE A 520 -33.86 25.34 7.13
N TYR A 521 -33.49 25.34 5.85
CA TYR A 521 -32.14 24.91 5.41
C TYR A 521 -31.56 25.96 4.46
N ALA A 522 -31.20 27.13 4.96
CA ALA A 522 -30.71 28.25 4.13
C ALA A 522 -29.39 27.94 3.42
N LYS A 523 -28.54 27.09 3.99
CA LYS A 523 -27.22 26.80 3.40
C LYS A 523 -27.20 25.49 2.59
N GLU A 524 -28.34 24.88 2.29
CA GLU A 524 -28.41 23.57 1.58
C GLU A 524 -28.39 23.74 0.06
N TRP A 525 -27.21 23.72 -0.55
CA TRP A 525 -27.07 23.95 -2.00
C TRP A 525 -27.16 22.68 -2.85
N LEU A 526 -26.69 21.54 -2.32
CA LEU A 526 -26.61 20.29 -3.14
C LEU A 526 -27.99 19.72 -3.47
N LEU A 527 -28.87 19.64 -2.48
CA LEU A 527 -30.23 19.10 -2.70
C LEU A 527 -30.98 20.05 -3.65
N ARG A 528 -30.73 21.35 -3.55
CA ARG A 528 -31.35 22.34 -4.47
C ARG A 528 -30.89 22.07 -5.90
N LEU A 529 -29.61 21.78 -6.08
CA LEU A 529 -29.06 21.46 -7.41
C LEU A 529 -29.67 20.17 -7.98
N GLU A 530 -29.82 19.14 -7.15
CA GLU A 530 -30.41 17.85 -7.60
C GLU A 530 -31.87 18.03 -8.03
N VAL A 531 -32.65 18.84 -7.30
CA VAL A 531 -34.06 19.14 -7.69
C VAL A 531 -34.08 19.91 -9.02
N LEU A 532 -33.22 20.90 -9.17
CA LEU A 532 -33.13 21.70 -10.43
C LEU A 532 -32.73 20.79 -11.59
N GLU A 533 -31.75 19.92 -11.37
CA GLU A 533 -31.30 18.96 -12.40
C GLU A 533 -32.48 18.08 -12.82
N LEU A 534 -33.26 17.56 -11.87
CA LEU A 534 -34.36 16.60 -12.16
C LEU A 534 -35.50 17.28 -12.93
N LEU A 535 -35.87 18.49 -12.54
CA LEU A 535 -36.96 19.24 -13.21
C LEU A 535 -36.55 19.58 -14.64
N LEU A 536 -35.32 20.06 -14.83
CA LEU A 536 -34.81 20.40 -16.17
C LEU A 536 -34.72 19.15 -17.05
N GLU A 537 -34.36 18.00 -16.47
CA GLU A 537 -34.22 16.73 -17.24
C GLU A 537 -35.56 16.31 -17.84
N HIS A 538 -36.65 16.50 -17.09
CA HIS A 538 -37.99 16.08 -17.55
C HIS A 538 -38.81 17.28 -18.03
N ASN A 539 -38.20 18.44 -18.16
CA ASN A 539 -38.90 19.69 -18.61
C ASN A 539 -40.19 19.90 -17.83
N LYS A 540 -40.11 19.86 -16.50
CA LYS A 540 -41.30 20.05 -15.64
C LYS A 540 -40.99 21.04 -14.52
N GLY A 541 -42.02 21.50 -13.81
CA GLY A 541 -41.85 22.44 -12.70
C GLY A 541 -41.12 23.70 -13.11
N HIS A 542 -41.52 24.30 -14.24
CA HIS A 542 -40.84 25.50 -14.80
C HIS A 542 -40.65 26.64 -13.80
N GLU A 543 -41.64 26.91 -12.94
CA GLU A 543 -41.54 27.99 -11.94
C GLU A 543 -40.54 27.62 -10.84
N THR A 544 -40.58 26.37 -10.38
CA THR A 544 -39.65 25.89 -9.33
C THR A 544 -38.21 25.92 -9.86
N SER A 545 -38.00 25.48 -11.10
CA SER A 545 -36.65 25.44 -11.72
C SER A 545 -36.06 26.84 -11.89
N ALA A 546 -36.87 27.80 -12.31
CA ALA A 546 -36.38 29.18 -12.48
C ALA A 546 -35.99 29.76 -11.12
N ALA A 547 -36.81 29.50 -10.11
CA ALA A 547 -36.55 30.01 -8.75
C ALA A 547 -35.27 29.40 -8.17
N LEU A 548 -35.08 28.09 -8.35
CA LEU A 548 -33.88 27.36 -7.84
C LEU A 548 -32.65 27.85 -8.59
N LEU A 549 -32.74 28.04 -9.90
CA LEU A 549 -31.59 28.54 -10.70
C LEU A 549 -31.18 29.94 -10.23
N HIS A 550 -32.14 30.82 -10.02
CA HIS A 550 -31.83 32.18 -9.54
C HIS A 550 -31.22 32.14 -8.15
N GLN A 551 -31.80 31.35 -7.25
CA GLN A 551 -31.31 31.25 -5.86
C GLN A 551 -29.88 30.69 -5.84
N LEU A 552 -29.63 29.63 -6.58
CA LEU A 552 -28.30 28.97 -6.60
C LEU A 552 -27.26 29.89 -7.24
N SER A 553 -27.64 30.63 -8.28
CA SER A 553 -26.73 31.57 -8.97
C SER A 553 -26.31 32.69 -8.02
N THR A 554 -27.17 33.10 -7.10
CA THR A 554 -26.87 34.22 -6.16
C THR A 554 -26.86 33.70 -4.70
N PHE A 555 -26.49 32.44 -4.47
CA PHE A 555 -26.60 31.80 -3.13
C PHE A 555 -25.74 32.36 -1.98
N THR A 556 -24.44 32.60 -2.18
CA THR A 556 -23.57 32.96 -1.04
C THR A 556 -22.37 33.83 -1.42
N THR A 557 -21.80 34.50 -0.42
CA THR A 557 -20.57 35.30 -0.60
C THR A 557 -19.37 34.34 -0.56
N ASP A 558 -19.59 33.09 -0.15
CA ASP A 558 -18.50 32.10 0.00
C ASP A 558 -17.96 31.66 -1.37
N GLU A 559 -16.65 31.81 -1.57
CA GLU A 559 -16.03 31.50 -2.88
C GLU A 559 -16.08 30.00 -3.22
N ALA A 560 -15.81 29.14 -2.25
CA ALA A 560 -15.79 27.68 -2.49
C ALA A 560 -17.16 27.16 -2.89
N VAL A 561 -18.20 27.49 -2.13
CA VAL A 561 -19.59 27.02 -2.42
C VAL A 561 -20.06 27.61 -3.75
N THR A 562 -19.70 28.86 -4.03
CA THR A 562 -20.09 29.53 -5.30
C THR A 562 -19.49 28.72 -6.45
N ARG A 563 -18.22 28.33 -6.34
CA ARG A 563 -17.53 27.53 -7.38
C ARG A 563 -18.19 26.17 -7.51
N LEU A 564 -18.47 25.53 -6.38
CA LEU A 564 -19.16 24.22 -6.36
C LEU A 564 -20.53 24.34 -7.03
N ILE A 565 -21.33 25.35 -6.70
CA ILE A 565 -22.67 25.54 -7.33
C ILE A 565 -22.54 25.83 -8.83
N ASN A 566 -21.63 26.73 -9.20
CA ASN A 566 -21.46 27.13 -10.62
C ASN A 566 -21.02 25.93 -11.47
N ASN A 567 -20.15 25.09 -10.93
CA ASN A 567 -19.73 23.85 -11.63
C ASN A 567 -20.95 22.94 -11.82
N GLY A 568 -21.82 22.83 -10.83
CA GLY A 568 -23.07 22.06 -10.97
C GLY A 568 -24.02 22.69 -11.97
N LEU A 569 -24.15 24.01 -11.97
CA LEU A 569 -25.01 24.75 -12.92
C LEU A 569 -24.50 24.53 -14.34
N ALA A 570 -23.19 24.36 -14.50
CA ALA A 570 -22.58 24.22 -15.84
C ALA A 570 -22.96 22.92 -16.53
N LEU A 571 -23.40 21.91 -15.77
CA LEU A 571 -23.78 20.59 -16.33
C LEU A 571 -25.27 20.53 -16.63
N LEU A 572 -26.01 21.61 -16.36
CA LEU A 572 -27.48 21.61 -16.55
C LEU A 572 -27.87 21.73 -18.02
N PRO A 573 -28.95 21.07 -18.47
CA PRO A 573 -29.44 21.26 -19.84
C PRO A 573 -29.64 22.74 -20.17
#